data_8PGW
#
_entry.id   8PGW
#
_cell.length_a   39.430
_cell.length_b   68.040
_cell.length_c   40.340
_cell.angle_alpha   90.000
_cell.angle_beta   93.530
_cell.angle_gamma   90.000
#
_symmetry.space_group_name_H-M   'P 1 21 1'
#
loop_
_entity.id
_entity.type
_entity.pdbx_description
1 polymer 'Beta-lactamase VIM-1'
2 non-polymer 'ZINC ION'
3 non-polymer '7-[(1~{S})-1-[2-(aminomethyl)-6-oxidanylidene-5-oxa-7-azaspiro[3.4]octan-7-yl]ethyl]-3-(5-methoxy-6-oxidanyl-pyridin-3-yl)-1~{H}-indole-2-carboxylic acid'
4 water water
#
_entity_poly.entity_id   1
_entity_poly.type   'polypeptide(L)'
_entity_poly.pdbx_seq_one_letter_code
;MLKVISSLLVYMTASVMAVASPLAHSGEPSGEYPTVNEIPVGEVRLYQIADGVWSHIATQSFDGAVYPSNGLIVRDGDEL
LLIDTAWGAKNTAALLAEIEKQIGLPVTRAVSTHFHDDRVGGVDVLRAAGVATYASPSTRRLAEAEGNEIPTHSLEGLSS
SGDAVRFGPVELFYPGAAHSTDNLVVYVPSANVLYGGCAVHELSSTSAGNVADADLAEWPTSVERIQKHYPEAEVVIPGH
GLPGGLDLLQHTANVVKAHKNRSVAE
;
_entity_poly.pdbx_strand_id   A
#
loop_
_chem_comp.id
_chem_comp.type
_chem_comp.name
_chem_comp.formula
YRK non-polymer '7-[(1~{S})-1-[2-(aminomethyl)-6-oxidanylidene-5-oxa-7-azaspiro[3.4]octan-7-yl]ethyl]-3-(5-methoxy-6-oxidanyl-pyridin-3-yl)-1~{H}-indole-2-carboxylic acid' 'C24 H26 N4 O6'
ZN non-polymer 'ZINC ION' 'Zn 2'
#
# COMPACT_ATOMS: atom_id res chain seq x y z
N SER A 30 -2.38 11.98 18.67
CA SER A 30 -2.12 13.40 18.84
C SER A 30 -0.93 13.91 18.02
N GLY A 31 -0.79 13.43 16.78
CA GLY A 31 0.19 13.94 15.85
C GLY A 31 1.28 12.94 15.49
N GLU A 32 1.58 11.99 16.37
CA GLU A 32 2.53 10.94 16.03
C GLU A 32 1.92 10.00 15.00
N TYR A 33 2.76 9.23 14.31
CA TYR A 33 2.22 8.25 13.39
C TYR A 33 1.51 7.15 14.18
N PRO A 34 0.28 6.79 13.82
CA PRO A 34 -0.46 5.85 14.68
C PRO A 34 0.03 4.43 14.57
N THR A 35 -0.04 3.71 15.70
N THR A 35 -0.19 3.70 15.64
CA THR A 35 0.58 2.41 15.86
CA THR A 35 0.04 2.28 15.76
C THR A 35 -0.46 1.34 16.15
C THR A 35 -1.26 1.60 16.20
N VAL A 36 -0.03 0.08 16.05
N VAL A 36 -1.18 0.28 16.36
CA VAL A 36 -0.98 -1.03 16.06
CA VAL A 36 -2.33 -0.50 16.80
C VAL A 36 -1.75 -1.08 17.38
C VAL A 36 -2.85 -0.03 18.15
N ASN A 37 -1.06 -0.88 18.51
N ASN A 37 -2.01 0.62 18.95
CA ASN A 37 -1.75 -0.83 19.79
CA ASN A 37 -2.41 1.03 20.29
C ASN A 37 -2.64 0.39 19.93
C ASN A 37 -3.22 2.31 20.31
N GLU A 38 -2.49 1.38 19.03
N GLU A 38 -3.25 3.06 19.20
CA GLU A 38 -3.26 2.61 19.07
CA GLU A 38 -3.95 4.33 19.14
C GLU A 38 -4.55 2.57 18.29
C GLU A 38 -5.13 4.29 18.18
N ILE A 39 -4.73 1.59 17.40
N ILE A 39 -5.44 3.14 17.61
CA ILE A 39 -5.91 1.54 16.55
CA ILE A 39 -6.50 2.96 16.64
C ILE A 39 -6.63 0.22 16.77
C ILE A 39 -7.64 2.22 17.34
N PRO A 40 -7.83 0.25 17.37
N PRO A 40 -8.77 2.88 17.62
CA PRO A 40 -8.63 -0.98 17.46
CA PRO A 40 -9.92 2.15 18.20
C PRO A 40 -8.98 -1.50 16.08
C PRO A 40 -10.29 0.91 17.41
N VAL A 41 -9.07 -2.82 15.97
N VAL A 41 -11.02 -0.03 18.04
CA VAL A 41 -9.46 -3.42 14.70
CA VAL A 41 -11.29 -1.31 17.40
C VAL A 41 -10.87 -2.95 14.37
C VAL A 41 -12.14 -1.10 16.16
N GLY A 42 -11.02 -2.31 13.20
N GLY A 42 -11.72 -1.69 15.04
CA GLY A 42 -12.28 -1.76 12.75
CA GLY A 42 -12.45 -1.57 13.79
C GLY A 42 -12.29 -0.25 12.64
C GLY A 42 -12.40 -0.18 13.21
N GLU A 43 -11.34 0.43 13.25
N GLU A 43 -11.31 0.53 13.43
CA GLU A 43 -11.22 1.88 13.16
CA GLU A 43 -11.19 1.96 13.22
C GLU A 43 -10.09 2.24 12.20
C GLU A 43 -10.11 2.24 12.20
N VAL A 44 -10.18 3.42 11.60
CA VAL A 44 -9.18 3.86 10.63
C VAL A 44 -8.71 5.25 11.00
N ARG A 45 -7.41 5.48 10.85
N ARG A 45 -7.41 5.49 10.88
CA ARG A 45 -6.79 6.77 11.07
CA ARG A 45 -6.86 6.82 11.09
C ARG A 45 -6.18 7.25 9.76
C ARG A 45 -6.14 7.25 9.82
N LEU A 46 -6.18 8.56 9.57
CA LEU A 46 -5.47 9.19 8.47
C LEU A 46 -4.31 9.99 9.04
N TYR A 47 -3.27 10.17 8.23
CA TYR A 47 -2.09 10.90 8.63
C TYR A 47 -1.62 11.74 7.46
N GLN A 48 -1.50 13.05 7.68
CA GLN A 48 -1.11 13.94 6.60
C GLN A 48 0.39 13.77 6.32
N ILE A 49 0.72 13.41 5.08
CA ILE A 49 2.10 13.21 4.66
C ILE A 49 2.67 14.47 4.01
N ALA A 50 1.87 15.12 3.18
CA ALA A 50 2.28 16.28 2.40
C ALA A 50 0.99 16.95 1.93
N ASP A 51 1.13 18.07 1.24
CA ASP A 51 -0.05 18.72 0.68
CA ASP A 51 -0.05 18.72 0.68
C ASP A 51 -0.75 17.76 -0.26
N GLY A 52 -2.01 17.45 0.05
CA GLY A 52 -2.77 16.57 -0.81
C GLY A 52 -2.36 15.11 -0.78
N VAL A 53 -1.60 14.69 0.22
CA VAL A 53 -1.18 13.31 0.37
C VAL A 53 -1.38 12.89 1.82
N TRP A 54 -2.13 11.82 2.02
CA TRP A 54 -2.36 11.21 3.33
C TRP A 54 -2.00 9.73 3.24
N SER A 55 -1.60 9.16 4.36
CA SER A 55 -1.67 7.71 4.50
C SER A 55 -2.91 7.36 5.30
N HIS A 56 -3.40 6.14 5.11
CA HIS A 56 -4.43 5.59 5.97
C HIS A 56 -3.86 4.38 6.68
N ILE A 57 -4.25 4.23 7.95
CA ILE A 57 -3.74 3.17 8.80
C ILE A 57 -4.92 2.44 9.42
N ALA A 58 -4.88 1.12 9.36
CA ALA A 58 -5.91 0.27 9.95
C ALA A 58 -5.22 -0.92 10.57
N THR A 59 -5.97 -1.69 11.33
CA THR A 59 -5.43 -2.89 11.96
C THR A 59 -6.31 -4.08 11.65
N GLN A 60 -5.71 -5.26 11.60
CA GLN A 60 -6.44 -6.47 11.31
C GLN A 60 -5.77 -7.65 11.98
N SER A 61 -6.59 -8.65 12.30
N SER A 61 -6.57 -8.66 12.28
CA SER A 61 -6.17 -9.93 12.84
CA SER A 61 -6.08 -9.89 12.86
C SER A 61 -5.90 -10.90 11.71
C SER A 61 -5.94 -10.95 11.78
N PHE A 62 -4.84 -11.68 11.84
CA PHE A 62 -4.50 -12.70 10.86
C PHE A 62 -3.74 -13.80 11.57
N ASP A 63 -4.24 -15.04 11.49
CA ASP A 63 -3.60 -16.19 12.12
C ASP A 63 -3.27 -15.89 13.58
N GLY A 64 -4.18 -15.21 14.26
CA GLY A 64 -4.08 -15.04 15.69
C GLY A 64 -3.16 -13.94 16.16
N ALA A 65 -2.77 -13.02 15.27
CA ALA A 65 -1.97 -11.86 15.65
C ALA A 65 -2.55 -10.62 14.98
N VAL A 66 -2.32 -9.47 15.60
CA VAL A 66 -2.82 -8.19 15.12
C VAL A 66 -1.69 -7.40 14.45
N TYR A 67 -1.98 -6.84 13.28
CA TYR A 67 -1.01 -6.10 12.50
C TYR A 67 -1.60 -4.78 12.04
N PRO A 68 -0.79 -3.71 12.00
CA PRO A 68 -1.20 -2.49 11.29
C PRO A 68 -0.92 -2.64 9.80
N SER A 69 -1.59 -1.79 9.03
N SER A 69 -1.58 -1.80 9.01
CA SER A 69 -1.38 -1.70 7.60
CA SER A 69 -1.23 -1.71 7.60
C SER A 69 -1.57 -0.27 7.12
C SER A 69 -1.61 -0.34 7.06
N ASN A 70 -0.81 0.10 6.09
CA ASN A 70 -0.93 1.40 5.45
C ASN A 70 -1.55 1.32 4.06
N GLY A 71 -2.17 2.43 3.67
CA GLY A 71 -2.48 2.73 2.30
C GLY A 71 -2.24 4.20 2.05
N LEU A 72 -2.63 4.72 0.90
CA LEU A 72 -2.39 6.10 0.53
C LEU A 72 -3.66 6.75 -0.01
N ILE A 73 -3.75 8.06 0.17
CA ILE A 73 -4.82 8.86 -0.40
C ILE A 73 -4.16 10.05 -1.07
N VAL A 74 -4.49 10.32 -2.33
CA VAL A 74 -3.86 11.42 -3.06
C VAL A 74 -4.93 12.31 -3.67
N ARG A 75 -4.86 13.61 -3.38
N ARG A 75 -4.86 13.60 -3.37
CA ARG A 75 -5.82 14.54 -3.94
CA ARG A 75 -5.83 14.53 -3.94
C ARG A 75 -5.68 14.63 -5.47
C ARG A 75 -5.67 14.58 -5.46
N ASP A 76 -6.81 14.56 -6.16
CA ASP A 76 -6.93 14.45 -7.62
C ASP A 76 -7.87 15.58 -8.05
N GLY A 77 -7.41 16.82 -7.93
CA GLY A 77 -8.29 17.96 -8.14
C GLY A 77 -9.33 18.09 -7.05
N ASP A 78 -10.62 17.95 -7.39
CA ASP A 78 -11.68 17.88 -6.39
C ASP A 78 -12.16 16.45 -6.15
N GLU A 79 -11.35 15.46 -6.52
CA GLU A 79 -11.59 14.05 -6.26
C GLU A 79 -10.38 13.48 -5.53
N LEU A 80 -10.51 12.24 -5.08
CA LEU A 80 -9.41 11.55 -4.42
C LEU A 80 -9.10 10.24 -5.11
N LEU A 81 -7.81 9.92 -5.19
CA LEU A 81 -7.33 8.62 -5.62
C LEU A 81 -6.91 7.84 -4.38
N LEU A 82 -7.41 6.62 -4.24
CA LEU A 82 -7.09 5.75 -3.13
C LEU A 82 -6.09 4.68 -3.57
N ILE A 83 -5.07 4.45 -2.75
CA ILE A 83 -4.13 3.36 -2.96
C ILE A 83 -4.33 2.36 -1.82
N ASP A 84 -4.81 1.16 -2.17
CA ASP A 84 -5.00 0.01 -1.29
C ASP A 84 -6.16 0.17 -0.32
N THR A 85 -6.81 -0.96 -0.05
CA THR A 85 -7.90 -0.99 0.92
C THR A 85 -7.33 -0.90 2.32
N ALA A 86 -8.21 -0.92 3.32
CA ALA A 86 -7.83 -0.92 4.72
C ALA A 86 -7.85 -2.32 5.33
N TRP A 87 -7.68 -3.37 4.51
CA TRP A 87 -7.55 -4.75 4.95
C TRP A 87 -8.85 -5.27 5.56
N GLY A 88 -9.89 -5.32 4.73
CA GLY A 88 -11.16 -5.89 5.13
C GLY A 88 -12.33 -5.00 4.77
N ALA A 89 -13.49 -5.63 4.57
CA ALA A 89 -14.69 -4.89 4.21
C ALA A 89 -15.07 -3.85 5.27
N LYS A 90 -15.14 -4.27 6.54
N LYS A 90 -15.13 -4.26 6.54
CA LYS A 90 -15.54 -3.34 7.60
CA LYS A 90 -15.56 -3.31 7.57
C LYS A 90 -14.54 -2.21 7.74
C LYS A 90 -14.53 -2.21 7.77
N ASN A 91 -13.25 -2.55 7.75
CA ASN A 91 -12.22 -1.52 7.83
C ASN A 91 -12.32 -0.54 6.67
N THR A 92 -12.63 -1.05 5.47
CA THR A 92 -12.68 -0.18 4.29
C THR A 92 -13.93 0.68 4.31
N ALA A 93 -15.04 0.19 4.83
CA ALA A 93 -16.18 1.09 5.06
C ALA A 93 -15.81 2.19 6.06
N ALA A 94 -15.10 1.82 7.13
CA ALA A 94 -14.63 2.82 8.09
C ALA A 94 -13.68 3.81 7.45
N LEU A 95 -12.84 3.33 6.53
CA LEU A 95 -11.94 4.22 5.79
C LEU A 95 -12.71 5.26 5.00
N LEU A 96 -13.73 4.83 4.24
CA LEU A 96 -14.51 5.79 3.47
C LEU A 96 -15.15 6.82 4.39
N ALA A 97 -15.65 6.38 5.55
CA ALA A 97 -16.29 7.30 6.49
C ALA A 97 -15.26 8.29 7.06
N GLU A 98 -14.07 7.81 7.38
CA GLU A 98 -13.02 8.69 7.90
C GLU A 98 -12.58 9.70 6.84
N ILE A 99 -12.50 9.28 5.58
CA ILE A 99 -12.18 10.22 4.51
C ILE A 99 -13.25 11.30 4.40
N GLU A 100 -14.52 10.91 4.45
CA GLU A 100 -15.59 11.91 4.36
C GLU A 100 -15.49 12.90 5.52
N LYS A 101 -15.16 12.41 6.71
CA LYS A 101 -15.07 13.26 7.89
C LYS A 101 -13.90 14.22 7.81
N GLN A 102 -12.73 13.72 7.41
CA GLN A 102 -11.49 14.47 7.53
C GLN A 102 -11.16 15.26 6.28
N ILE A 103 -11.62 14.82 5.11
CA ILE A 103 -11.24 15.43 3.83
C ILE A 103 -12.47 15.95 3.08
N GLY A 104 -13.51 15.12 2.97
CA GLY A 104 -14.75 15.59 2.39
C GLY A 104 -14.79 15.65 0.88
N LEU A 105 -13.86 15.00 0.20
CA LEU A 105 -13.85 14.88 -1.24
C LEU A 105 -14.15 13.44 -1.62
N PRO A 106 -14.79 13.20 -2.76
CA PRO A 106 -15.16 11.82 -3.12
C PRO A 106 -13.99 11.00 -3.62
N VAL A 107 -13.94 9.75 -3.16
CA VAL A 107 -13.00 8.76 -3.67
C VAL A 107 -13.58 8.23 -4.97
N THR A 108 -12.92 8.48 -6.10
CA THR A 108 -13.46 8.04 -7.37
C THR A 108 -12.75 6.83 -7.96
N ARG A 109 -11.48 6.62 -7.60
CA ARG A 109 -10.69 5.53 -8.16
C ARG A 109 -9.82 4.96 -7.06
N ALA A 110 -9.53 3.67 -7.15
CA ALA A 110 -8.61 3.01 -6.23
C ALA A 110 -7.70 2.08 -7.02
N VAL A 111 -6.46 1.98 -6.58
CA VAL A 111 -5.47 1.05 -7.13
C VAL A 111 -5.02 0.14 -5.99
N SER A 112 -5.01 -1.17 -6.25
CA SER A 112 -4.47 -2.14 -5.30
C SER A 112 -3.09 -2.55 -5.78
N THR A 113 -2.10 -2.51 -4.87
CA THR A 113 -0.70 -2.67 -5.29
C THR A 113 -0.19 -4.11 -5.24
N HIS A 114 -0.93 -5.05 -4.66
CA HIS A 114 -0.75 -6.47 -4.93
C HIS A 114 -2.00 -7.21 -4.45
N PHE A 115 -1.98 -8.54 -4.56
CA PHE A 115 -3.22 -9.31 -4.53
C PHE A 115 -3.64 -9.75 -3.13
N HIS A 116 -2.86 -9.46 -2.10
CA HIS A 116 -3.20 -9.93 -0.76
C HIS A 116 -4.33 -9.11 -0.15
N ASP A 117 -4.92 -9.68 0.90
CA ASP A 117 -6.10 -9.12 1.54
C ASP A 117 -5.88 -7.74 2.11
N ASP A 118 -4.65 -7.42 2.54
CA ASP A 118 -4.41 -6.06 3.05
C ASP A 118 -4.35 -5.02 1.94
N ARG A 119 -4.49 -5.43 0.68
CA ARG A 119 -4.51 -4.54 -0.47
C ARG A 119 -5.82 -4.58 -1.23
N VAL A 120 -6.48 -5.75 -1.28
CA VAL A 120 -7.75 -5.86 -2.00
C VAL A 120 -8.95 -6.18 -1.12
N GLY A 121 -8.74 -6.60 0.14
CA GLY A 121 -9.89 -6.86 0.99
C GLY A 121 -10.63 -5.58 1.31
N GLY A 122 -11.86 -5.45 0.82
CA GLY A 122 -12.57 -4.19 0.82
C GLY A 122 -12.85 -3.64 -0.56
N VAL A 123 -12.35 -4.30 -1.60
CA VAL A 123 -12.60 -3.86 -2.96
C VAL A 123 -14.09 -3.94 -3.28
N ASP A 124 -14.79 -4.95 -2.75
CA ASP A 124 -16.22 -5.07 -3.01
C ASP A 124 -16.98 -3.90 -2.38
N VAL A 125 -16.59 -3.51 -1.15
CA VAL A 125 -17.16 -2.32 -0.52
C VAL A 125 -16.90 -1.08 -1.37
N LEU A 126 -15.67 -0.92 -1.85
CA LEU A 126 -15.36 0.24 -2.69
C LEU A 126 -16.23 0.26 -3.93
N ARG A 127 -16.35 -0.90 -4.60
N ARG A 127 -16.32 -0.88 -4.63
CA ARG A 127 -17.11 -0.97 -5.85
CA ARG A 127 -17.10 -0.94 -5.85
C ARG A 127 -18.57 -0.63 -5.64
C ARG A 127 -18.55 -0.54 -5.59
N ALA A 128 -19.14 -1.08 -4.52
CA ALA A 128 -20.53 -0.76 -4.19
C ALA A 128 -20.71 0.71 -3.81
N ALA A 129 -19.66 1.36 -3.35
CA ALA A 129 -19.69 2.78 -3.04
C ALA A 129 -19.43 3.66 -4.27
N GLY A 130 -19.30 3.08 -5.45
CA GLY A 130 -19.10 3.85 -6.66
C GLY A 130 -17.65 4.14 -7.00
N VAL A 131 -16.71 3.51 -6.30
CA VAL A 131 -15.30 3.68 -6.59
C VAL A 131 -14.91 2.70 -7.69
N ALA A 132 -14.23 3.21 -8.71
CA ALA A 132 -13.69 2.37 -9.76
C ALA A 132 -12.38 1.77 -9.27
N THR A 133 -12.28 0.43 -9.29
CA THR A 133 -11.14 -0.27 -8.69
C THR A 133 -10.25 -0.84 -9.78
N TYR A 134 -8.94 -0.71 -9.59
CA TYR A 134 -7.93 -1.03 -10.59
C TYR A 134 -6.82 -1.85 -9.96
N ALA A 135 -6.21 -2.72 -10.77
CA ALA A 135 -4.97 -3.41 -10.41
C ALA A 135 -4.38 -3.95 -11.70
N SER A 136 -3.11 -4.36 -11.63
CA SER A 136 -2.50 -4.98 -12.81
C SER A 136 -3.22 -6.29 -13.14
N PRO A 137 -3.11 -6.75 -14.39
CA PRO A 137 -3.69 -8.08 -14.70
C PRO A 137 -3.09 -9.18 -13.87
N SER A 138 -1.81 -9.07 -13.50
N SER A 138 -1.79 -9.08 -13.53
CA SER A 138 -1.19 -10.11 -12.68
CA SER A 138 -1.17 -10.07 -12.68
C SER A 138 -1.82 -10.12 -11.30
C SER A 138 -1.86 -10.12 -11.33
N THR A 139 -2.07 -8.95 -10.72
CA THR A 139 -2.76 -8.88 -9.43
C THR A 139 -4.17 -9.44 -9.54
N ARG A 140 -4.88 -9.10 -10.61
CA ARG A 140 -6.25 -9.60 -10.73
C ARG A 140 -6.28 -11.11 -10.84
N ARG A 141 -5.35 -11.68 -11.61
N ARG A 141 -5.35 -11.68 -11.61
CA ARG A 141 -5.30 -13.14 -11.76
CA ARG A 141 -5.30 -13.13 -11.75
C ARG A 141 -4.99 -13.82 -10.43
C ARG A 141 -5.00 -13.81 -10.42
N LEU A 142 -4.04 -13.27 -9.68
CA LEU A 142 -3.64 -13.88 -8.42
C LEU A 142 -4.74 -13.75 -7.38
N ALA A 143 -5.38 -12.59 -7.32
CA ALA A 143 -6.50 -12.42 -6.40
C ALA A 143 -7.60 -13.43 -6.71
N GLU A 144 -7.94 -13.57 -7.99
CA GLU A 144 -9.00 -14.50 -8.35
C GLU A 144 -8.63 -15.93 -7.98
N ALA A 145 -7.40 -16.33 -8.27
CA ALA A 145 -6.98 -17.69 -8.00
C ALA A 145 -6.98 -17.99 -6.51
N GLU A 146 -6.64 -16.99 -5.68
N GLU A 146 -6.70 -16.99 -5.69
CA GLU A 146 -6.55 -17.21 -4.25
CA GLU A 146 -6.55 -17.17 -4.25
C GLU A 146 -7.89 -17.11 -3.53
C GLU A 146 -7.82 -16.88 -3.47
N GLY A 147 -8.89 -16.52 -4.16
CA GLY A 147 -10.16 -16.27 -3.50
C GLY A 147 -10.24 -14.95 -2.77
N ASN A 148 -9.45 -13.97 -3.19
CA ASN A 148 -9.53 -12.61 -2.65
C ASN A 148 -10.42 -11.76 -3.56
N GLU A 149 -10.82 -10.60 -3.05
CA GLU A 149 -11.65 -9.69 -3.84
C GLU A 149 -10.85 -9.17 -5.03
N ILE A 150 -11.56 -8.91 -6.13
CA ILE A 150 -10.91 -8.70 -7.42
C ILE A 150 -11.24 -7.31 -7.94
N PRO A 151 -10.24 -6.43 -8.09
CA PRO A 151 -10.48 -5.13 -8.73
C PRO A 151 -11.07 -5.29 -10.13
N THR A 152 -11.85 -4.29 -10.54
CA THR A 152 -12.61 -4.37 -11.78
C THR A 152 -11.76 -4.17 -13.02
N HIS A 153 -10.81 -3.23 -12.98
CA HIS A 153 -10.13 -2.76 -14.18
C HIS A 153 -8.66 -3.15 -14.17
N SER A 154 -8.17 -3.55 -15.34
CA SER A 154 -6.78 -3.96 -15.51
C SER A 154 -5.90 -2.78 -15.85
N LEU A 155 -4.74 -2.71 -15.21
CA LEU A 155 -3.73 -1.69 -15.49
C LEU A 155 -2.66 -2.31 -16.38
N GLU A 156 -2.74 -2.00 -17.68
CA GLU A 156 -1.76 -2.47 -18.64
C GLU A 156 -0.51 -1.61 -18.55
N GLY A 157 0.54 -2.04 -19.24
CA GLY A 157 1.76 -1.26 -19.31
C GLY A 157 2.68 -1.43 -18.14
N LEU A 158 2.48 -2.45 -17.31
CA LEU A 158 3.23 -2.65 -16.09
C LEU A 158 3.79 -4.06 -15.96
N SER A 159 3.86 -4.82 -17.04
CA SER A 159 4.17 -6.23 -16.90
C SER A 159 5.66 -6.53 -16.91
N SER A 160 6.52 -5.58 -17.27
N SER A 160 6.51 -5.57 -17.25
CA SER A 160 7.96 -5.78 -17.26
CA SER A 160 7.95 -5.75 -17.27
C SER A 160 8.59 -4.94 -16.17
C SER A 160 8.59 -4.91 -16.17
N SER A 161 9.56 -5.51 -15.44
N SER A 161 9.56 -5.49 -15.47
CA SER A 161 10.23 -4.75 -14.40
CA SER A 161 10.26 -4.76 -14.42
C SER A 161 10.81 -3.47 -14.97
C SER A 161 10.81 -3.45 -14.99
N GLY A 162 10.62 -2.37 -14.24
CA GLY A 162 11.02 -1.06 -14.69
C GLY A 162 9.92 -0.28 -15.39
N ASP A 163 8.80 -0.92 -15.68
CA ASP A 163 7.69 -0.24 -16.32
C ASP A 163 7.06 0.78 -15.40
N ALA A 164 6.54 1.86 -15.99
CA ALA A 164 5.86 2.90 -15.25
C ALA A 164 4.74 3.47 -16.10
N VAL A 165 3.62 3.78 -15.46
CA VAL A 165 2.50 4.42 -16.12
C VAL A 165 1.95 5.50 -15.20
N ARG A 166 1.34 6.51 -15.80
CA ARG A 166 0.73 7.58 -15.03
C ARG A 166 -0.72 7.23 -14.75
N PHE A 167 -1.18 7.62 -13.56
CA PHE A 167 -2.56 7.35 -13.13
C PHE A 167 -2.97 8.53 -12.26
N GLY A 168 -3.73 9.45 -12.83
CA GLY A 168 -4.08 10.65 -12.11
C GLY A 168 -2.84 11.33 -11.57
N PRO A 169 -2.85 11.69 -10.29
CA PRO A 169 -1.72 12.43 -9.71
C PRO A 169 -0.53 11.58 -9.30
N VAL A 170 -0.47 10.29 -9.68
CA VAL A 170 0.66 9.46 -9.30
C VAL A 170 1.25 8.77 -10.53
N GLU A 171 2.44 8.21 -10.33
CA GLU A 171 3.07 7.28 -11.25
C GLU A 171 3.09 5.91 -10.56
N LEU A 172 2.67 4.89 -11.29
CA LEU A 172 2.74 3.51 -10.85
C LEU A 172 3.97 2.88 -11.47
N PHE A 173 4.69 2.08 -10.68
CA PHE A 173 5.98 1.53 -11.09
C PHE A 173 6.00 0.06 -10.71
N TYR A 174 6.37 -0.81 -11.65
CA TYR A 174 6.55 -2.21 -11.32
C TYR A 174 8.04 -2.48 -11.15
N PRO A 175 8.53 -2.73 -9.93
CA PRO A 175 9.98 -2.87 -9.72
C PRO A 175 10.53 -4.25 -10.01
N GLY A 176 9.68 -5.24 -10.26
CA GLY A 176 10.07 -6.63 -10.21
C GLY A 176 9.54 -7.33 -8.96
N ALA A 177 9.72 -8.65 -8.95
CA ALA A 177 9.22 -9.46 -7.84
C ALA A 177 9.96 -9.11 -6.56
N ALA A 178 9.23 -9.10 -5.45
CA ALA A 178 9.82 -8.75 -4.16
C ALA A 178 8.97 -9.42 -3.08
N HIS A 179 8.19 -8.63 -2.36
CA HIS A 179 7.25 -9.20 -1.41
C HIS A 179 6.27 -10.15 -2.10
N SER A 180 5.87 -9.81 -3.32
CA SER A 180 5.06 -10.66 -4.17
C SER A 180 5.54 -10.45 -5.59
N THR A 181 5.13 -11.34 -6.49
N THR A 181 5.10 -11.33 -6.50
CA THR A 181 5.56 -11.16 -7.88
CA THR A 181 5.50 -11.20 -7.88
C THR A 181 4.89 -9.96 -8.53
C THR A 181 4.85 -10.01 -8.57
N ASP A 182 3.71 -9.55 -8.06
CA ASP A 182 2.92 -8.50 -8.69
C ASP A 182 3.03 -7.13 -8.05
N ASN A 183 3.88 -6.95 -7.04
CA ASN A 183 3.78 -5.76 -6.20
C ASN A 183 4.20 -4.52 -6.98
N LEU A 184 3.39 -3.48 -6.84
CA LEU A 184 3.59 -2.19 -7.47
C LEU A 184 4.00 -1.16 -6.42
N VAL A 185 4.68 -0.11 -6.89
N VAL A 185 4.74 -0.15 -6.83
CA VAL A 185 5.11 1.03 -6.08
CA VAL A 185 5.00 1.00 -5.97
C VAL A 185 4.44 2.26 -6.68
C VAL A 185 4.39 2.23 -6.63
N VAL A 186 4.21 3.27 -5.84
CA VAL A 186 3.47 4.45 -6.25
C VAL A 186 4.28 5.68 -5.88
N TYR A 187 4.44 6.60 -6.82
CA TYR A 187 5.17 7.84 -6.57
C TYR A 187 4.24 9.02 -6.79
N VAL A 188 4.26 9.96 -5.86
CA VAL A 188 3.50 11.20 -6.00
C VAL A 188 4.49 12.30 -6.37
N PRO A 189 4.64 12.66 -7.64
CA PRO A 189 5.71 13.60 -8.01
C PRO A 189 5.55 14.99 -7.43
N SER A 190 4.32 15.46 -7.18
CA SER A 190 4.12 16.80 -6.64
C SER A 190 4.75 16.96 -5.26
N ALA A 191 4.92 15.87 -4.52
CA ALA A 191 5.42 15.92 -3.16
C ALA A 191 6.64 15.04 -2.94
N ASN A 192 7.15 14.39 -3.98
CA ASN A 192 8.23 13.41 -3.88
C ASN A 192 7.98 12.41 -2.77
N VAL A 193 6.76 11.87 -2.76
CA VAL A 193 6.38 10.83 -1.82
C VAL A 193 6.44 9.49 -2.54
N LEU A 194 7.20 8.56 -1.99
CA LEU A 194 7.33 7.21 -2.51
C LEU A 194 6.56 6.28 -1.59
N TYR A 195 5.51 5.67 -2.12
CA TYR A 195 4.73 4.66 -1.41
C TYR A 195 5.23 3.31 -1.89
N GLY A 196 5.98 2.62 -1.04
CA GLY A 196 6.57 1.35 -1.44
C GLY A 196 5.66 0.15 -1.31
N GLY A 197 4.55 0.29 -0.59
CA GLY A 197 3.76 -0.91 -0.38
C GLY A 197 4.60 -1.96 0.33
N CYS A 198 4.17 -3.21 0.24
CA CYS A 198 4.78 -4.25 1.08
C CYS A 198 6.14 -4.71 0.57
N ALA A 199 6.57 -4.22 -0.59
CA ALA A 199 7.95 -4.40 -1.02
C ALA A 199 8.93 -3.56 -0.21
N VAL A 200 8.46 -2.66 0.64
CA VAL A 200 9.32 -1.80 1.45
C VAL A 200 8.93 -1.96 2.92
N HIS A 201 9.92 -2.19 3.76
CA HIS A 201 9.72 -2.37 5.19
C HIS A 201 10.11 -1.11 5.96
N GLU A 202 9.55 -0.99 7.16
CA GLU A 202 9.89 0.10 8.05
C GLU A 202 11.26 -0.14 8.69
N LEU A 203 11.83 0.95 9.22
CA LEU A 203 13.20 0.90 9.74
C LEU A 203 13.33 0.00 10.95
N SER A 204 12.30 -0.10 11.77
CA SER A 204 12.37 -0.96 12.96
C SER A 204 12.27 -2.44 12.62
N SER A 205 11.99 -2.77 11.36
N SER A 205 11.98 -2.77 11.35
CA SER A 205 11.77 -4.16 10.99
CA SER A 205 11.76 -4.16 10.98
C SER A 205 13.03 -4.98 11.20
C SER A 205 13.02 -4.99 11.18
N THR A 206 12.86 -6.16 11.81
CA THR A 206 13.93 -7.12 11.99
C THR A 206 13.78 -8.33 11.08
N SER A 207 12.64 -8.48 10.42
CA SER A 207 12.37 -9.62 9.57
C SER A 207 11.76 -9.09 8.28
N ALA A 208 11.70 -9.96 7.29
CA ALA A 208 11.10 -9.59 6.02
C ALA A 208 9.58 -9.72 6.02
N GLY A 209 8.93 -9.71 7.18
CA GLY A 209 7.48 -9.76 7.22
C GLY A 209 6.93 -11.12 6.79
N ASN A 210 5.79 -11.09 6.11
CA ASN A 210 5.18 -12.30 5.60
C ASN A 210 5.75 -12.59 4.21
N VAL A 211 6.59 -13.61 4.12
CA VAL A 211 7.31 -13.92 2.89
C VAL A 211 6.65 -15.08 2.15
N ALA A 212 5.40 -15.42 2.48
CA ALA A 212 4.77 -16.59 1.89
C ALA A 212 4.86 -16.59 0.37
N ASP A 213 4.67 -15.43 -0.25
CA ASP A 213 4.59 -15.33 -1.70
C ASP A 213 5.74 -14.51 -2.27
N ALA A 214 6.81 -14.36 -1.50
CA ALA A 214 7.91 -13.49 -1.86
C ALA A 214 8.92 -14.20 -2.76
N ASP A 215 9.75 -13.38 -3.40
CA ASP A 215 10.94 -13.83 -4.12
C ASP A 215 12.13 -13.16 -3.44
N LEU A 216 12.69 -13.86 -2.45
CA LEU A 216 13.77 -13.26 -1.66
C LEU A 216 15.02 -13.04 -2.50
N ALA A 217 15.23 -13.87 -3.51
CA ALA A 217 16.41 -13.73 -4.36
C ALA A 217 16.33 -12.47 -5.21
N GLU A 218 15.15 -12.15 -5.73
CA GLU A 218 14.98 -11.02 -6.61
C GLU A 218 14.71 -9.71 -5.88
N TRP A 219 14.21 -9.79 -4.66
CA TRP A 219 13.79 -8.59 -3.92
C TRP A 219 14.89 -7.53 -3.86
N PRO A 220 16.14 -7.85 -3.52
CA PRO A 220 17.15 -6.77 -3.52
C PRO A 220 17.29 -6.08 -4.86
N THR A 221 17.21 -6.86 -5.95
CA THR A 221 17.32 -6.29 -7.29
C THR A 221 16.14 -5.38 -7.56
N SER A 222 14.94 -5.78 -7.12
CA SER A 222 13.77 -4.93 -7.31
C SER A 222 13.88 -3.65 -6.47
N VAL A 223 14.39 -3.75 -5.24
CA VAL A 223 14.58 -2.54 -4.45
C VAL A 223 15.59 -1.62 -5.12
N GLU A 224 16.65 -2.19 -5.69
N GLU A 224 16.66 -2.19 -5.68
CA GLU A 224 17.64 -1.36 -6.38
CA GLU A 224 17.64 -1.38 -6.40
C GLU A 224 17.00 -0.59 -7.53
C GLU A 224 16.98 -0.59 -7.51
N ARG A 225 16.04 -1.21 -8.24
CA ARG A 225 15.34 -0.51 -9.30
C ARG A 225 14.54 0.66 -8.75
N ILE A 226 13.88 0.47 -7.60
CA ILE A 226 13.16 1.56 -6.98
C ILE A 226 14.12 2.70 -6.63
N GLN A 227 15.26 2.36 -6.01
CA GLN A 227 16.21 3.39 -5.59
C GLN A 227 16.70 4.19 -6.80
N LYS A 228 16.97 3.51 -7.92
CA LYS A 228 17.49 4.17 -9.10
C LYS A 228 16.42 5.03 -9.78
N HIS A 229 15.16 4.62 -9.67
CA HIS A 229 14.10 5.32 -10.40
C HIS A 229 13.61 6.55 -9.64
N TYR A 230 13.70 6.54 -8.31
CA TYR A 230 13.14 7.61 -7.47
C TYR A 230 14.19 8.14 -6.50
N PRO A 231 15.31 8.65 -7.04
CA PRO A 231 16.39 9.14 -6.15
C PRO A 231 16.04 10.41 -5.40
N GLU A 232 15.00 11.14 -5.80
N GLU A 232 15.00 11.14 -5.80
CA GLU A 232 14.61 12.38 -5.15
CA GLU A 232 14.61 12.37 -5.14
C GLU A 232 13.48 12.19 -4.14
C GLU A 232 13.48 12.19 -4.14
N ALA A 233 13.12 10.95 -3.82
CA ALA A 233 12.07 10.70 -2.84
C ALA A 233 12.45 11.33 -1.50
N GLU A 234 11.49 12.03 -0.91
CA GLU A 234 11.66 12.69 0.38
C GLU A 234 11.00 11.93 1.52
N VAL A 235 9.89 11.27 1.22
CA VAL A 235 9.18 10.43 2.18
C VAL A 235 9.02 9.06 1.54
N VAL A 236 9.28 8.01 2.31
CA VAL A 236 9.09 6.64 1.88
C VAL A 236 8.12 5.98 2.85
N ILE A 237 7.04 5.44 2.34
CA ILE A 237 5.98 4.85 3.17
C ILE A 237 5.98 3.34 2.93
N PRO A 238 6.15 2.53 3.98
CA PRO A 238 6.11 1.08 3.83
C PRO A 238 4.67 0.57 3.82
N GLY A 239 4.51 -0.69 3.43
CA GLY A 239 3.19 -1.30 3.45
C GLY A 239 2.64 -1.46 4.85
N HIS A 240 3.53 -1.62 5.83
CA HIS A 240 3.18 -1.74 7.24
C HIS A 240 4.21 -0.94 8.04
N GLY A 241 3.74 -0.11 8.96
CA GLY A 241 4.65 0.58 9.87
C GLY A 241 4.94 2.03 9.49
N LEU A 242 6.02 2.56 10.09
CA LEU A 242 6.24 4.01 10.09
C LEU A 242 6.89 4.47 8.79
N PRO A 243 6.43 5.58 8.22
CA PRO A 243 7.18 6.21 7.14
C PRO A 243 8.52 6.75 7.63
N GLY A 244 9.42 6.93 6.67
CA GLY A 244 10.68 7.61 6.90
C GLY A 244 11.23 8.16 5.61
N GLY A 245 12.55 8.13 5.45
CA GLY A 245 13.20 8.61 4.26
C GLY A 245 13.70 7.48 3.39
N LEU A 246 14.63 7.84 2.48
CA LEU A 246 15.16 6.85 1.53
C LEU A 246 15.84 5.68 2.21
N ASP A 247 16.26 5.82 3.47
CA ASP A 247 16.93 4.70 4.13
C ASP A 247 16.03 3.46 4.23
N LEU A 248 14.71 3.63 4.16
CA LEU A 248 13.85 2.46 4.22
C LEU A 248 14.18 1.49 3.09
N LEU A 249 14.60 2.02 1.94
CA LEU A 249 14.87 1.14 0.81
C LEU A 249 16.09 0.28 1.08
N GLN A 250 17.20 0.90 1.49
CA GLN A 250 18.39 0.11 1.78
C GLN A 250 18.16 -0.83 2.96
N HIS A 251 17.46 -0.35 3.99
CA HIS A 251 17.16 -1.21 5.12
C HIS A 251 16.40 -2.44 4.66
N THR A 252 15.40 -2.26 3.79
CA THR A 252 14.64 -3.40 3.29
C THR A 252 15.54 -4.39 2.59
N ALA A 253 16.41 -3.92 1.70
CA ALA A 253 17.33 -4.83 1.03
C ALA A 253 18.17 -5.58 2.07
N ASN A 254 18.60 -4.89 3.12
CA ASN A 254 19.46 -5.53 4.13
C ASN A 254 18.71 -6.65 4.85
N VAL A 255 17.48 -6.36 5.30
CA VAL A 255 16.70 -7.33 6.06
C VAL A 255 16.35 -8.54 5.21
N VAL A 256 16.02 -8.30 3.94
CA VAL A 256 15.64 -9.41 3.08
C VAL A 256 16.85 -10.29 2.81
N LYS A 257 17.99 -9.68 2.48
CA LYS A 257 19.19 -10.47 2.22
C LYS A 257 19.55 -11.30 3.45
N ALA A 258 19.40 -10.73 4.64
CA ALA A 258 19.76 -11.44 5.86
C ALA A 258 18.74 -12.51 6.20
N HIS A 259 17.45 -12.25 5.94
CA HIS A 259 16.43 -13.27 6.10
C HIS A 259 16.80 -14.51 5.27
N LYS A 260 17.16 -14.29 4.01
CA LYS A 260 17.60 -15.38 3.14
C LYS A 260 18.86 -16.04 3.70
N ASN A 261 19.77 -15.26 4.28
CA ASN A 261 20.95 -15.82 4.89
C ASN A 261 20.61 -16.76 6.04
ZN ZN B . 1.27 -9.00 0.94
ZN ZN C . 1.62 -6.44 3.38
C12 YRK D . 0.88 -9.79 6.00
C13 YRK D . -0.37 -10.43 5.81
C27 YRK D . -0.99 -11.02 6.90
C29 YRK D . 0.80 -10.30 8.35
C31 YRK D . 4.02 -7.43 8.43
C30 YRK D . 1.46 -9.71 7.25
C14 YRK D . -0.99 -10.50 4.41
C15 YRK D . -2.50 -10.45 4.46
C01 YRK D . 5.41 -11.75 10.45
C03 YRK D . 4.90 -9.46 10.03
C04 YRK D . 4.03 -9.76 8.98
C05 YRK D . 3.57 -8.72 8.16
C06 YRK D . 2.68 -9.01 7.11
C07 YRK D . 2.73 -8.69 5.75
C08 YRK D . 3.80 -7.99 4.95
C17 YRK D . -1.09 -13.05 3.95
C18 YRK D . -0.24 -13.96 3.11
C19 YRK D . -0.03 -15.35 3.63
C20 YRK D . -0.36 -15.87 2.25
C21 YRK D . -1.37 -16.94 2.21
C23 YRK D . -0.94 -14.53 1.91
C25 YRK D . 0.74 -11.90 3.13
C28 YRK D . -0.42 -10.94 8.17
C33 YRK D . 5.29 -8.16 10.21
N11 YRK D . 1.67 -9.18 5.14
N16 YRK D . -0.50 -11.76 3.85
N22 YRK D . -0.72 -18.23 2.32
N32 YRK D . 4.85 -7.18 9.42
O02 YRK D . 5.41 -10.43 10.90
O09 YRK D . 5.00 -8.22 5.25
O10 YRK D . 3.47 -7.30 3.94
O24 YRK D . 0.93 -13.26 2.76
O26 YRK D . 1.50 -11.01 2.92
O34 YRK D . 6.18 -7.88 11.27
H271 YRK D . -1.94 -11.52 6.77
H291 YRK D . 1.25 -10.24 9.33
H311 YRK D . 3.67 -6.61 7.80
H141 YRK D . -0.71 -9.65 3.80
H152 YRK D . -2.88 -11.33 4.98
H153 YRK D . -2.90 -10.43 3.45
H151 YRK D . -2.82 -9.55 4.99
H013 YRK D . 5.91 -12.38 11.17
H011 YRK D . 5.93 -11.82 9.50
H012 YRK D . 4.38 -12.09 10.32
H041 YRK D . 3.70 -10.77 8.81
H172 YRK D . -2.11 -13.04 3.57
H171 YRK D . -1.08 -13.38 4.98
H192 YRK D . -0.76 -15.63 4.38
H191 YRK D . 1.00 -15.54 3.93
H201 YRK D . 0.55 -16.12 1.71
H212 YRK D . -1.92 -16.89 1.27
H211 YRK D . -2.07 -16.81 3.03
H231 YRK D . -0.57 -14.14 0.97
H232 YRK D . -2.02 -14.52 2.00
H281 YRK D . -0.91 -11.39 9.02
H111 YRK D . 1.48 -9.10 4.15
H222 YRK D . 0.27 -18.12 2.15
H341 YRK D . 6.47 -8.70 11.65
H221 YRK D . -0.86 -18.59 3.24
#